data_1E2M
#
_entry.id   1E2M
#
_cell.length_a   113.700
_cell.length_b   117.200
_cell.length_c   108.500
_cell.angle_alpha   90.00
_cell.angle_beta   90.00
_cell.angle_gamma   90.00
#
_symmetry.space_group_name_H-M   'C 2 2 21'
#
loop_
_entity.id
_entity.type
_entity.pdbx_description
1 polymer 'THYMIDINE KINASE'
2 non-polymer 'SULFATE ION'
3 non-polymer 6-HYDROXYPROPYLTHYMINE
4 water water
#
_entity_poly.entity_id   1
_entity_poly.type   'polypeptide(L)'
_entity_poly.pdbx_seq_one_letter_code
;MPTLLRVYIDGPHGMGKTTTTQLLVALGSRDDIVYVPEPMTYWRVLGASETIANIYTTQHRLDQGEISAGDAAVVMTSAQ
ITMGMPYAVTDAVLAPHIGGEAGSSHAPPPALTLIFDRHPIAALLCYPAARYLMGSMTPQAVLAFVALIPPTLPGTNIVL
GALPEDRHIDRLAKRQRPGERLDLAMLAAIRRVYGLLANTVRYLQCGGSWREDWGQLSGTAVPPQGAEPQSNAGPRPHIG
DTLFTLFRAPELLAPNGDLYNVFAWALDVLAKRLRSMHVFILDYDQSPAGCRDALLQLTSGMVQTHVTTPGSIPTICDLA
RTFAREMGEAN
;
_entity_poly.pdbx_strand_id   A,B
#
# COMPACT_ATOMS: atom_id res chain seq x y z
N MET A 1 -31.33 -2.97 4.27
CA MET A 1 -30.14 -2.27 3.68
C MET A 1 -30.07 -2.49 2.17
N PRO A 2 -29.88 -1.42 1.42
CA PRO A 2 -29.79 -1.50 -0.02
C PRO A 2 -28.68 -2.42 -0.48
N THR A 3 -28.84 -2.94 -1.68
CA THR A 3 -27.85 -3.84 -2.27
C THR A 3 -27.02 -3.08 -3.31
N LEU A 4 -25.76 -3.51 -3.45
CA LEU A 4 -24.82 -2.91 -4.37
C LEU A 4 -24.09 -3.96 -5.20
N LEU A 5 -23.86 -3.60 -6.46
CA LEU A 5 -23.15 -4.44 -7.40
C LEU A 5 -21.91 -3.70 -7.91
N ARG A 6 -20.73 -4.17 -7.53
CA ARG A 6 -19.51 -3.52 -8.00
C ARG A 6 -18.94 -4.34 -9.15
N VAL A 7 -18.60 -3.64 -10.23
CA VAL A 7 -18.06 -4.32 -11.41
C VAL A 7 -16.76 -3.63 -11.83
N TYR A 8 -15.65 -4.34 -11.75
CA TYR A 8 -14.36 -3.81 -12.13
C TYR A 8 -13.93 -4.32 -13.50
N ILE A 9 -14.00 -3.42 -14.48
CA ILE A 9 -13.61 -3.81 -15.85
C ILE A 9 -12.11 -3.62 -15.97
N ASP A 10 -11.40 -4.74 -16.11
CA ASP A 10 -9.93 -4.69 -16.17
C ASP A 10 -9.40 -5.52 -17.32
N GLY A 11 -8.18 -6.02 -17.24
CA GLY A 11 -7.60 -6.81 -18.33
C GLY A 11 -6.59 -5.91 -19.05
N PRO A 12 -5.91 -6.44 -20.05
CA PRO A 12 -4.93 -5.64 -20.78
C PRO A 12 -5.59 -4.45 -21.42
N HIS A 13 -4.91 -3.31 -21.52
CA HIS A 13 -5.52 -2.13 -22.15
C HIS A 13 -5.54 -2.34 -23.67
N GLY A 14 -6.36 -1.58 -24.39
CA GLY A 14 -6.42 -1.68 -25.84
C GLY A 14 -7.38 -2.69 -26.42
N MET A 15 -8.30 -3.24 -25.63
CA MET A 15 -9.25 -4.20 -26.20
C MET A 15 -10.61 -3.54 -26.38
N GLY A 16 -10.90 -2.47 -25.63
CA GLY A 16 -12.17 -1.78 -25.73
C GLY A 16 -12.98 -1.60 -24.48
N LYS A 17 -12.42 -1.82 -23.28
CA LYS A 17 -13.17 -1.66 -22.03
C LYS A 17 -13.88 -0.30 -22.02
N THR A 18 -13.12 0.75 -22.28
CA THR A 18 -13.65 2.10 -22.31
C THR A 18 -14.93 2.15 -23.15
N THR A 19 -14.84 1.81 -24.42
CA THR A 19 -15.98 1.79 -25.33
C THR A 19 -17.15 0.99 -24.74
N THR A 20 -16.86 -0.23 -24.33
CA THR A 20 -17.81 -1.16 -23.74
C THR A 20 -18.51 -0.59 -22.53
N THR A 21 -17.79 0.05 -21.62
CA THR A 21 -18.38 0.67 -20.44
C THR A 21 -19.22 1.88 -20.89
N GLN A 22 -18.59 2.70 -21.72
CA GLN A 22 -19.18 3.90 -22.27
C GLN A 22 -20.59 3.71 -22.81
N LEU A 23 -20.78 2.84 -23.79
CA LEU A 23 -22.12 2.61 -24.35
C LEU A 23 -23.05 2.14 -23.24
N LEU A 24 -23.62 3.08 -22.50
CA LEU A 24 -24.50 2.80 -21.38
C LEU A 24 -24.88 4.09 -20.66
N ARG A 30 -30.99 6.79 -14.62
CA ARG A 30 -29.70 7.46 -14.73
C ARG A 30 -28.98 7.36 -13.37
N ASP A 31 -29.78 7.08 -12.35
CA ASP A 31 -29.31 6.98 -10.99
C ASP A 31 -28.93 5.59 -10.52
N ASP A 32 -29.38 4.54 -11.19
CA ASP A 32 -29.06 3.18 -10.76
C ASP A 32 -27.73 2.64 -11.22
N ILE A 33 -26.99 3.30 -12.11
CA ILE A 33 -25.69 2.87 -12.57
C ILE A 33 -24.75 4.07 -12.65
N VAL A 34 -23.58 3.96 -12.02
CA VAL A 34 -22.59 5.03 -12.05
C VAL A 34 -21.28 4.46 -12.61
N TYR A 35 -20.56 5.29 -13.36
CA TYR A 35 -19.30 4.86 -13.94
C TYR A 35 -18.09 5.64 -13.44
N VAL A 36 -17.14 4.93 -12.85
CA VAL A 36 -15.88 5.51 -12.36
C VAL A 36 -14.87 5.27 -13.50
N PRO A 37 -14.60 6.31 -14.27
CA PRO A 37 -13.74 6.23 -15.41
C PRO A 37 -12.25 6.27 -15.16
N GLU A 38 -11.51 6.09 -16.25
CA GLU A 38 -10.05 6.12 -16.23
C GLU A 38 -9.59 7.48 -15.71
N PRO A 39 -8.77 7.50 -14.67
CA PRO A 39 -8.27 8.73 -14.09
C PRO A 39 -7.10 9.33 -14.86
N MET A 40 -7.29 9.56 -16.16
CA MET A 40 -6.28 10.11 -17.04
C MET A 40 -5.76 11.46 -16.60
N THR A 41 -6.62 12.35 -16.12
CA THR A 41 -6.18 13.66 -15.64
C THR A 41 -5.25 13.54 -14.44
N TYR A 42 -5.43 12.52 -13.59
CA TYR A 42 -4.52 12.37 -12.45
C TYR A 42 -3.15 11.95 -12.99
N TRP A 43 -3.15 11.01 -13.93
CA TRP A 43 -1.92 10.52 -14.52
C TRP A 43 -1.17 11.56 -15.34
N ARG A 44 -1.90 12.41 -16.05
CA ARG A 44 -1.26 13.42 -16.88
C ARG A 44 -0.96 14.72 -16.15
N VAL A 45 -1.79 15.13 -15.18
CA VAL A 45 -1.56 16.38 -14.50
C VAL A 45 -1.54 16.35 -12.97
N LEU A 46 -2.63 15.95 -12.34
CA LEU A 46 -2.73 15.96 -10.88
C LEU A 46 -1.62 15.28 -10.11
N GLY A 47 -1.37 14.00 -10.35
CA GLY A 47 -0.36 13.28 -9.61
C GLY A 47 1.07 13.55 -10.01
N ALA A 48 1.28 13.77 -11.30
CA ALA A 48 2.59 14.03 -11.87
C ALA A 48 2.37 14.43 -13.33
N SER A 49 3.42 14.71 -14.07
CA SER A 49 3.27 15.14 -15.46
C SER A 49 3.47 13.99 -16.44
N GLU A 50 2.47 13.78 -17.28
CA GLU A 50 2.49 12.73 -18.31
C GLU A 50 3.27 11.50 -17.84
N THR A 51 2.58 10.73 -17.03
CA THR A 51 2.98 9.52 -16.34
C THR A 51 3.06 8.38 -17.37
N ILE A 52 2.06 8.28 -18.24
CA ILE A 52 2.15 7.21 -19.25
C ILE A 52 3.35 7.45 -20.15
N ALA A 53 3.53 8.70 -20.59
CA ALA A 53 4.66 9.06 -21.45
C ALA A 53 5.99 8.71 -20.82
N ASN A 54 6.12 9.00 -19.53
CA ASN A 54 7.34 8.71 -18.78
C ASN A 54 7.59 7.20 -18.78
N ILE A 55 6.53 6.44 -18.54
CA ILE A 55 6.61 4.99 -18.52
C ILE A 55 7.11 4.41 -19.83
N TYR A 56 6.47 4.77 -20.94
CA TYR A 56 6.90 4.23 -22.24
C TYR A 56 8.25 4.75 -22.69
N THR A 57 8.59 5.99 -22.35
CA THR A 57 9.88 6.55 -22.73
C THR A 57 10.99 5.83 -21.96
N THR A 58 10.72 5.49 -20.69
CA THR A 58 11.71 4.79 -19.89
C THR A 58 11.98 3.39 -20.42
N GLN A 59 10.96 2.64 -20.81
CA GLN A 59 11.19 1.30 -21.35
C GLN A 59 11.99 1.41 -22.66
N HIS A 60 11.55 2.30 -23.54
CA HIS A 60 12.21 2.52 -24.82
C HIS A 60 13.69 2.81 -24.65
N ARG A 61 14.06 3.66 -23.69
CA ARG A 61 15.46 3.98 -23.43
C ARG A 61 16.20 2.78 -22.87
N LEU A 62 15.52 1.94 -22.10
CA LEU A 62 16.14 0.73 -21.55
C LEU A 62 16.43 -0.23 -22.71
N ASP A 63 15.47 -0.36 -23.62
CA ASP A 63 15.58 -1.23 -24.78
C ASP A 63 16.73 -0.78 -25.69
N GLN A 64 16.91 0.52 -25.84
CA GLN A 64 17.97 1.07 -26.67
C GLN A 64 19.33 1.05 -25.99
N GLY A 65 19.37 0.80 -24.68
CA GLY A 65 20.61 0.75 -23.93
C GLY A 65 21.08 2.11 -23.45
N GLU A 66 20.19 3.09 -23.44
CA GLU A 66 20.55 4.44 -22.99
C GLU A 66 20.61 4.53 -21.48
N ILE A 67 19.80 3.72 -20.79
CA ILE A 67 19.79 3.70 -19.34
C ILE A 67 19.93 2.25 -18.86
N SER A 68 20.24 2.05 -17.58
CA SER A 68 20.38 0.70 -17.06
C SER A 68 19.06 0.15 -16.55
N ALA A 69 19.06 -1.13 -16.23
CA ALA A 69 17.89 -1.82 -15.70
C ALA A 69 17.49 -1.24 -14.35
N GLY A 70 18.48 -0.87 -13.55
CA GLY A 70 18.29 -0.27 -12.24
C GLY A 70 17.64 1.11 -12.37
N ASP A 71 18.08 1.89 -13.35
CA ASP A 71 17.51 3.22 -13.59
C ASP A 71 16.03 3.08 -13.95
N ALA A 72 15.75 2.17 -14.88
CA ALA A 72 14.39 1.91 -15.34
C ALA A 72 13.47 1.45 -14.23
N ALA A 73 13.93 0.52 -13.39
CA ALA A 73 13.14 -0.01 -12.30
C ALA A 73 12.72 1.08 -11.31
N VAL A 74 13.63 1.98 -11.02
CA VAL A 74 13.34 3.10 -10.12
C VAL A 74 12.21 3.90 -10.73
N VAL A 75 12.42 4.37 -11.98
CA VAL A 75 11.40 5.15 -12.66
C VAL A 75 10.06 4.42 -12.66
N MET A 76 10.09 3.18 -13.11
CA MET A 76 8.92 2.32 -13.24
C MET A 76 8.19 2.11 -11.94
N THR A 77 8.91 1.90 -10.83
CA THR A 77 8.28 1.69 -9.52
C THR A 77 7.59 2.97 -9.07
N SER A 78 8.33 4.08 -9.17
CA SER A 78 7.79 5.39 -8.81
C SER A 78 6.54 5.71 -9.62
N ALA A 79 6.56 5.42 -10.91
CA ALA A 79 5.44 5.68 -11.80
C ALA A 79 4.21 4.89 -11.44
N GLN A 80 4.38 3.62 -11.04
CA GLN A 80 3.24 2.79 -10.68
C GLN A 80 2.51 3.28 -9.46
N ILE A 81 3.19 3.97 -8.55
CA ILE A 81 2.56 4.52 -7.34
C ILE A 81 1.56 5.59 -7.79
N THR A 82 1.98 6.43 -8.74
CA THR A 82 1.14 7.48 -9.29
C THR A 82 -0.05 6.88 -10.04
N MET A 83 0.18 5.85 -10.85
CA MET A 83 -0.88 5.21 -11.61
C MET A 83 -1.97 4.59 -10.74
N GLY A 84 -1.61 3.92 -9.66
CA GLY A 84 -2.58 3.25 -8.81
C GLY A 84 -3.28 4.11 -7.79
N MET A 85 -2.73 5.27 -7.48
CA MET A 85 -3.25 6.22 -6.51
C MET A 85 -4.76 6.33 -6.54
N PRO A 86 -5.37 6.76 -7.64
CA PRO A 86 -6.81 6.89 -7.76
C PRO A 86 -7.56 5.62 -7.38
N TYR A 87 -7.05 4.44 -7.74
CA TYR A 87 -7.70 3.20 -7.40
C TYR A 87 -7.60 2.91 -5.90
N ALA A 88 -6.39 3.08 -5.36
CA ALA A 88 -6.15 2.83 -3.95
C ALA A 88 -6.94 3.78 -3.06
N VAL A 89 -7.01 5.08 -3.42
CA VAL A 89 -7.77 5.99 -2.57
C VAL A 89 -9.26 5.70 -2.65
N THR A 90 -9.74 5.35 -3.85
CA THR A 90 -11.14 5.00 -4.05
C THR A 90 -11.52 3.78 -3.24
N ASP A 91 -10.67 2.75 -3.27
CA ASP A 91 -10.95 1.54 -2.51
C ASP A 91 -11.01 1.80 -1.01
N ALA A 92 -10.07 2.59 -0.50
CA ALA A 92 -9.98 2.91 0.91
C ALA A 92 -11.18 3.64 1.47
N VAL A 93 -11.79 4.56 0.75
CA VAL A 93 -12.95 5.29 1.25
C VAL A 93 -14.24 4.51 1.00
N LEU A 94 -14.19 3.57 0.06
CA LEU A 94 -15.36 2.76 -0.27
C LEU A 94 -15.49 1.55 0.65
N ALA A 95 -14.37 1.01 1.12
CA ALA A 95 -14.32 -0.15 1.97
C ALA A 95 -15.33 -0.19 3.10
N PRO A 96 -15.33 0.80 3.99
CA PRO A 96 -16.26 0.87 5.10
C PRO A 96 -17.72 0.78 4.72
N HIS A 97 -18.13 1.22 3.54
CA HIS A 97 -19.51 1.15 3.12
C HIS A 97 -19.93 -0.22 2.63
N ILE A 98 -19.00 -1.11 2.33
CA ILE A 98 -19.34 -2.43 1.83
C ILE A 98 -19.70 -3.41 2.93
N GLY A 99 -20.89 -3.99 2.83
CA GLY A 99 -21.32 -4.96 3.83
C GLY A 99 -21.07 -6.37 3.31
N GLY A 100 -21.88 -7.32 3.75
CA GLY A 100 -21.74 -8.71 3.33
C GLY A 100 -22.58 -8.97 2.09
N GLU A 101 -22.29 -10.09 1.45
CA GLU A 101 -22.97 -10.53 0.25
C GLU A 101 -24.48 -10.63 0.47
N ALA A 102 -25.22 -10.41 -0.60
CA ALA A 102 -26.68 -10.49 -0.56
C ALA A 102 -27.12 -11.92 -0.87
N GLY A 103 -26.37 -12.59 -1.74
CA GLY A 103 -26.65 -13.95 -2.15
C GLY A 103 -26.68 -14.13 -3.65
N SER A 104 -27.45 -15.11 -4.12
CA SER A 104 -27.58 -15.40 -5.54
C SER A 104 -28.16 -14.20 -6.30
N PRO A 109 -33.64 -6.24 -8.48
CA PRO A 109 -32.26 -5.89 -8.84
C PRO A 109 -31.56 -5.21 -7.68
N PRO A 110 -30.36 -4.69 -7.92
CA PRO A 110 -29.57 -4.00 -6.91
C PRO A 110 -29.84 -2.51 -6.85
N ALA A 111 -29.88 -1.94 -5.64
CA ALA A 111 -30.13 -0.51 -5.50
C ALA A 111 -29.16 0.30 -6.35
N LEU A 112 -27.88 -0.02 -6.34
CA LEU A 112 -26.90 0.70 -7.14
C LEU A 112 -25.88 -0.21 -7.82
N THR A 113 -25.56 0.10 -9.07
CA THR A 113 -24.56 -0.64 -9.83
C THR A 113 -23.39 0.29 -10.09
N LEU A 114 -22.23 -0.08 -9.55
CA LEU A 114 -21.02 0.74 -9.68
C LEU A 114 -20.02 0.09 -10.62
N ILE A 115 -19.88 0.63 -11.82
CA ILE A 115 -18.96 0.10 -12.81
C ILE A 115 -17.65 0.87 -12.81
N PHE A 116 -16.55 0.20 -12.48
CA PHE A 116 -15.26 0.85 -12.43
C PHE A 116 -14.37 0.52 -13.63
N ASP A 117 -13.51 1.51 -13.93
CA ASP A 117 -12.52 1.30 -14.98
C ASP A 117 -11.26 0.86 -14.22
N ARG A 118 -11.08 -0.44 -14.11
CA ARG A 118 -9.99 -1.09 -13.46
C ARG A 118 -10.10 -1.20 -11.94
N HIS A 119 -9.38 -2.18 -11.43
CA HIS A 119 -9.29 -2.50 -10.00
C HIS A 119 -7.87 -2.24 -9.53
N PRO A 120 -7.64 -1.96 -8.27
CA PRO A 120 -6.31 -1.74 -7.73
C PRO A 120 -5.27 -2.76 -8.14
N ILE A 121 -5.57 -4.04 -8.36
CA ILE A 121 -4.55 -5.01 -8.76
C ILE A 121 -3.93 -4.72 -10.12
N ALA A 122 -4.53 -3.91 -10.96
CA ALA A 122 -3.94 -3.58 -12.25
C ALA A 122 -2.62 -2.83 -12.05
N ALA A 123 -2.63 -1.85 -11.15
CA ALA A 123 -1.49 -1.02 -10.83
C ALA A 123 -0.57 -1.62 -9.78
N LEU A 124 -1.09 -2.47 -8.91
CA LEU A 124 -0.29 -3.06 -7.85
C LEU A 124 0.20 -4.47 -8.18
N LEU A 125 -0.36 -5.13 -9.19
CA LEU A 125 0.07 -6.48 -9.51
C LEU A 125 0.38 -6.72 -10.99
N CYS A 126 -0.62 -6.58 -11.83
CA CYS A 126 -0.52 -6.84 -13.25
C CYS A 126 0.43 -6.00 -14.03
N TYR A 127 0.38 -4.67 -13.97
CA TYR A 127 1.33 -3.85 -14.72
C TYR A 127 2.74 -4.04 -14.22
N PRO A 128 2.97 -3.98 -12.92
CA PRO A 128 4.28 -4.23 -12.35
C PRO A 128 4.83 -5.59 -12.73
N ALA A 129 4.00 -6.64 -12.69
CA ALA A 129 4.44 -7.98 -13.09
C ALA A 129 4.87 -7.96 -14.56
N ALA A 130 4.10 -7.27 -15.41
CA ALA A 130 4.45 -7.19 -16.83
C ALA A 130 5.76 -6.44 -17.00
N ARG A 131 5.96 -5.37 -16.24
CA ARG A 131 7.21 -4.60 -16.32
C ARG A 131 8.37 -5.43 -15.82
N TYR A 132 8.12 -6.36 -14.89
CA TYR A 132 9.16 -7.26 -14.41
C TYR A 132 9.56 -8.16 -15.59
N LEU A 133 8.59 -8.58 -16.38
CA LEU A 133 8.81 -9.42 -17.54
C LEU A 133 9.50 -8.66 -18.68
N MET A 134 9.49 -7.34 -18.63
CA MET A 134 10.13 -6.48 -19.61
C MET A 134 11.49 -6.03 -19.12
N GLY A 135 11.94 -6.57 -17.99
CA GLY A 135 13.22 -6.23 -17.40
C GLY A 135 13.30 -4.84 -16.80
N SER A 136 12.16 -4.17 -16.59
CA SER A 136 12.17 -2.82 -16.07
C SER A 136 11.58 -2.67 -14.68
N MET A 137 11.52 -3.77 -13.93
CA MET A 137 11.04 -3.72 -12.55
C MET A 137 11.58 -4.94 -11.80
N THR A 138 12.11 -4.70 -10.62
CA THR A 138 12.64 -5.83 -9.83
C THR A 138 11.46 -6.61 -9.26
N PRO A 139 11.62 -7.92 -9.09
CA PRO A 139 10.59 -8.77 -8.51
C PRO A 139 10.31 -8.42 -7.06
N GLN A 140 11.26 -7.84 -6.33
CA GLN A 140 11.05 -7.44 -4.95
C GLN A 140 10.04 -6.27 -4.88
N ALA A 141 10.12 -5.37 -5.85
CA ALA A 141 9.20 -4.24 -5.91
C ALA A 141 7.79 -4.77 -6.19
N VAL A 142 7.70 -5.71 -7.14
CA VAL A 142 6.41 -6.30 -7.47
C VAL A 142 5.76 -6.92 -6.24
N LEU A 143 6.52 -7.69 -5.45
CA LEU A 143 5.95 -8.30 -4.25
C LEU A 143 5.65 -7.26 -3.18
N ALA A 144 6.32 -6.11 -3.23
CA ALA A 144 6.06 -5.03 -2.29
C ALA A 144 4.71 -4.40 -2.66
N PHE A 145 4.41 -4.29 -3.95
CA PHE A 145 3.11 -3.75 -4.34
C PHE A 145 2.02 -4.76 -3.97
N VAL A 146 2.31 -6.05 -4.16
CA VAL A 146 1.37 -7.12 -3.82
C VAL A 146 1.04 -7.07 -2.33
N ALA A 147 2.04 -6.89 -1.49
CA ALA A 147 1.85 -6.81 -0.05
C ALA A 147 0.93 -5.67 0.36
N LEU A 148 0.80 -4.64 -0.47
CA LEU A 148 -0.04 -3.50 -0.26
C LEU A 148 -1.42 -3.60 -0.89
N ILE A 149 -1.74 -4.73 -1.53
CA ILE A 149 -3.07 -4.90 -2.14
C ILE A 149 -4.13 -4.91 -1.03
N PRO A 150 -5.15 -4.06 -1.17
CA PRO A 150 -6.19 -3.97 -0.17
C PRO A 150 -6.92 -5.28 0.01
N PRO A 151 -7.43 -5.51 1.21
CA PRO A 151 -8.17 -6.72 1.53
C PRO A 151 -9.30 -6.89 0.51
N THR A 152 -9.51 -8.11 0.04
CA THR A 152 -10.57 -8.38 -0.93
C THR A 152 -11.93 -8.38 -0.22
N LEU A 153 -12.73 -7.37 -0.54
CA LEU A 153 -14.04 -7.23 0.06
C LEU A 153 -15.02 -8.15 -0.67
N PRO A 154 -16.13 -8.44 0.00
CA PRO A 154 -17.17 -9.28 -0.59
C PRO A 154 -17.68 -8.63 -1.86
N GLY A 155 -18.15 -9.40 -2.83
CA GLY A 155 -18.68 -8.88 -4.07
C GLY A 155 -17.67 -8.23 -4.97
N THR A 156 -16.44 -8.74 -5.01
CA THR A 156 -15.41 -8.16 -5.87
C THR A 156 -15.42 -8.87 -7.22
N ASN A 157 -16.24 -8.36 -8.13
CA ASN A 157 -16.38 -8.91 -9.48
C ASN A 157 -15.46 -8.20 -10.46
N ILE A 158 -14.55 -8.95 -11.07
CA ILE A 158 -13.62 -8.36 -12.02
C ILE A 158 -13.78 -8.98 -13.42
N VAL A 159 -13.97 -8.12 -14.43
CA VAL A 159 -14.14 -8.58 -15.79
C VAL A 159 -12.82 -8.49 -16.54
N LEU A 160 -12.37 -9.62 -17.07
CA LEU A 160 -11.10 -9.65 -17.82
C LEU A 160 -11.46 -9.89 -19.28
N GLY A 161 -10.69 -9.36 -20.22
CA GLY A 161 -11.05 -9.56 -21.61
C GLY A 161 -10.32 -10.64 -22.36
N ALA A 162 -11.03 -11.17 -23.36
CA ALA A 162 -10.50 -12.21 -24.23
C ALA A 162 -10.44 -11.62 -25.65
N LEU A 163 -9.31 -11.79 -26.33
CA LEU A 163 -9.15 -11.24 -27.67
C LEU A 163 -7.88 -11.78 -28.31
N PRO A 164 -8.00 -12.36 -29.50
CA PRO A 164 -6.86 -12.88 -30.22
C PRO A 164 -5.81 -11.79 -30.39
N GLU A 165 -4.54 -12.13 -30.29
CA GLU A 165 -3.47 -11.16 -30.37
C GLU A 165 -3.46 -10.26 -31.59
N ASP A 166 -3.61 -10.79 -32.80
CA ASP A 166 -3.61 -9.95 -34.00
C ASP A 166 -4.70 -8.88 -33.87
N ARG A 167 -5.90 -9.27 -33.48
CA ARG A 167 -7.01 -8.35 -33.29
C ARG A 167 -6.68 -7.31 -32.23
N HIS A 168 -6.03 -7.74 -31.14
CA HIS A 168 -5.64 -6.86 -30.04
C HIS A 168 -4.68 -5.78 -30.55
N ILE A 169 -3.67 -6.21 -31.32
CA ILE A 169 -2.70 -5.27 -31.89
C ILE A 169 -3.41 -4.21 -32.74
N ASP A 170 -4.36 -4.67 -33.55
CA ASP A 170 -5.12 -3.82 -34.44
C ASP A 170 -5.85 -2.76 -33.63
N ARG A 171 -6.59 -3.27 -32.63
CA ARG A 171 -7.37 -2.42 -31.75
C ARG A 171 -6.48 -1.50 -30.94
N LEU A 172 -5.37 -2.00 -30.41
CA LEU A 172 -4.45 -1.18 -29.63
C LEU A 172 -3.82 -0.10 -30.47
N ALA A 173 -3.46 -0.43 -31.71
CA ALA A 173 -2.83 0.55 -32.59
C ALA A 173 -3.69 1.77 -32.82
N LYS A 174 -5.01 1.62 -33.02
CA LYS A 174 -5.83 2.80 -33.26
C LYS A 174 -6.34 3.46 -32.00
N ARG A 175 -5.95 3.01 -30.82
CA ARG A 175 -6.40 3.67 -29.59
C ARG A 175 -5.26 3.82 -28.59
N GLN A 176 -4.18 4.46 -29.04
CA GLN A 176 -3.02 4.73 -28.21
C GLN A 176 -3.29 5.90 -27.26
N ARG A 177 -2.75 5.81 -26.04
CA ARG A 177 -2.97 6.90 -25.08
C ARG A 177 -1.85 7.92 -25.13
N PRO A 178 -2.10 9.12 -24.61
CA PRO A 178 -1.11 10.19 -24.61
C PRO A 178 0.22 9.77 -24.01
N GLY A 179 1.25 9.77 -24.84
CA GLY A 179 2.59 9.39 -24.45
C GLY A 179 2.89 7.91 -24.64
N GLU A 180 1.88 7.11 -24.96
CA GLU A 180 2.06 5.68 -25.15
C GLU A 180 2.80 5.35 -26.44
N ARG A 181 3.56 4.27 -26.43
CA ARG A 181 4.30 3.79 -27.59
C ARG A 181 3.83 2.35 -27.88
N LEU A 182 3.47 2.06 -29.12
CA LEU A 182 3.00 0.72 -29.48
C LEU A 182 4.15 -0.28 -29.34
N ASP A 183 4.20 -0.97 -28.22
CA ASP A 183 5.25 -1.94 -27.91
C ASP A 183 4.64 -3.34 -27.91
N LEU A 184 5.03 -4.16 -28.87
CA LEU A 184 4.50 -5.52 -28.98
C LEU A 184 5.03 -6.42 -27.88
N ALA A 185 6.22 -6.14 -27.36
CA ALA A 185 6.78 -6.96 -26.28
C ALA A 185 5.97 -6.70 -25.01
N MET A 186 5.55 -5.45 -24.79
CA MET A 186 4.75 -5.13 -23.61
C MET A 186 3.36 -5.74 -23.77
N LEU A 187 2.81 -5.69 -24.99
CA LEU A 187 1.49 -6.28 -25.22
C LEU A 187 1.48 -7.77 -24.84
N ALA A 188 2.53 -8.49 -25.23
CA ALA A 188 2.66 -9.90 -24.93
C ALA A 188 2.81 -10.12 -23.43
N ALA A 189 3.66 -9.34 -22.78
CA ALA A 189 3.87 -9.46 -21.34
C ALA A 189 2.56 -9.20 -20.59
N ILE A 190 1.88 -8.10 -20.94
CA ILE A 190 0.64 -7.78 -20.25
C ILE A 190 -0.42 -8.83 -20.53
N ARG A 191 -0.50 -9.34 -21.75
CA ARG A 191 -1.47 -10.38 -22.08
C ARG A 191 -1.15 -11.66 -21.31
N ARG A 192 0.13 -11.97 -21.17
CA ARG A 192 0.55 -13.16 -20.43
C ARG A 192 0.19 -13.06 -18.95
N VAL A 193 0.46 -11.91 -18.33
CA VAL A 193 0.13 -11.72 -16.92
C VAL A 193 -1.36 -11.90 -16.65
N TYR A 194 -2.22 -11.24 -17.44
CA TYR A 194 -3.66 -11.37 -17.25
C TYR A 194 -4.13 -12.79 -17.48
N GLY A 195 -3.53 -13.51 -18.43
CA GLY A 195 -3.92 -14.92 -18.67
C GLY A 195 -3.53 -15.72 -17.42
N LEU A 196 -2.33 -15.48 -16.90
CA LEU A 196 -1.89 -16.14 -15.68
C LEU A 196 -2.80 -15.74 -14.52
N LEU A 197 -3.23 -14.47 -14.47
CA LEU A 197 -4.11 -14.02 -13.40
C LEU A 197 -5.39 -14.84 -13.34
N ALA A 198 -6.05 -15.02 -14.48
CA ALA A 198 -7.29 -15.79 -14.53
C ALA A 198 -7.06 -17.23 -14.08
N ASN A 199 -5.93 -17.81 -14.49
CA ASN A 199 -5.59 -19.18 -14.12
C ASN A 199 -5.32 -19.30 -12.62
N THR A 200 -4.72 -18.27 -12.04
CA THR A 200 -4.39 -18.26 -10.62
C THR A 200 -5.63 -18.26 -9.76
N VAL A 201 -6.60 -17.39 -10.07
CA VAL A 201 -7.84 -17.33 -9.30
C VAL A 201 -8.46 -18.73 -9.25
N ARG A 202 -8.62 -19.31 -10.43
CA ARG A 202 -9.14 -20.66 -10.64
C ARG A 202 -8.34 -21.69 -9.86
N TYR A 203 -7.02 -21.63 -9.97
CA TYR A 203 -6.13 -22.54 -9.25
C TYR A 203 -6.43 -22.50 -7.75
N LEU A 204 -6.48 -21.28 -7.21
CA LEU A 204 -6.77 -21.05 -5.80
C LEU A 204 -8.18 -21.51 -5.43
N GLN A 205 -9.17 -21.19 -6.28
CA GLN A 205 -10.54 -21.59 -6.00
C GLN A 205 -10.69 -23.10 -5.97
N CYS A 206 -9.89 -23.83 -6.74
CA CYS A 206 -9.95 -25.28 -6.77
C CYS A 206 -9.09 -25.95 -5.72
N GLY A 207 -8.64 -25.22 -4.70
CA GLY A 207 -7.85 -25.79 -3.63
C GLY A 207 -6.36 -25.75 -3.81
N GLY A 208 -5.87 -25.16 -4.89
CA GLY A 208 -4.43 -25.10 -5.12
C GLY A 208 -3.67 -24.48 -3.96
N SER A 209 -2.55 -25.10 -3.60
CA SER A 209 -1.69 -24.60 -2.53
C SER A 209 -0.30 -24.36 -3.12
N TRP A 210 0.07 -23.09 -3.28
CA TRP A 210 1.34 -22.74 -3.87
C TRP A 210 2.53 -23.35 -3.14
N ARG A 211 2.49 -23.40 -1.81
CA ARG A 211 3.58 -23.97 -1.04
C ARG A 211 3.73 -25.46 -1.28
N GLU A 212 2.63 -26.16 -1.50
CA GLU A 212 2.69 -27.59 -1.78
C GLU A 212 3.14 -27.89 -3.21
N ASP A 213 2.77 -27.05 -4.16
CA ASP A 213 3.13 -27.26 -5.55
C ASP A 213 4.39 -26.55 -5.98
N TRP A 214 5.01 -25.77 -5.11
CA TRP A 214 6.23 -25.03 -5.43
C TRP A 214 7.31 -25.89 -6.07
N GLY A 215 7.54 -27.09 -5.58
CA GLY A 215 8.53 -28.01 -6.11
C GLY A 215 8.34 -28.33 -7.57
N GLN A 216 7.12 -28.31 -8.08
CA GLN A 216 6.84 -28.59 -9.48
C GLN A 216 7.42 -27.59 -10.46
N LEU A 217 7.82 -26.39 -10.04
CA LEU A 217 8.38 -25.40 -10.94
C LEU A 217 9.82 -25.72 -11.32
N SER A 218 10.47 -26.59 -10.57
CA SER A 218 11.85 -26.97 -10.83
C SER A 218 11.92 -28.42 -11.31
N GLY A 219 10.80 -29.13 -11.26
CA GLY A 219 10.74 -30.52 -11.69
C GLY A 219 10.25 -30.63 -13.13
N PRO A 235 -8.30 -31.01 -10.31
CA PRO A 235 -8.77 -30.33 -11.52
C PRO A 235 -8.56 -28.83 -11.41
N ARG A 236 -7.32 -28.44 -11.72
CA ARG A 236 -6.93 -27.04 -11.67
C ARG A 236 -5.69 -26.83 -12.53
N PRO A 237 -5.44 -25.58 -12.89
CA PRO A 237 -4.27 -25.27 -13.68
C PRO A 237 -3.02 -25.77 -12.96
N HIS A 238 -1.99 -26.05 -13.73
CA HIS A 238 -0.71 -26.47 -13.14
C HIS A 238 -0.09 -25.18 -12.60
N ILE A 239 0.64 -25.22 -11.50
CA ILE A 239 1.24 -24.03 -10.93
C ILE A 239 2.08 -23.25 -11.92
N GLY A 240 2.65 -23.89 -12.92
CA GLY A 240 3.44 -23.31 -13.96
C GLY A 240 2.65 -22.39 -14.89
N ASP A 241 1.33 -22.50 -14.86
CA ASP A 241 0.44 -21.67 -15.65
C ASP A 241 -0.26 -20.63 -14.78
N THR A 242 0.30 -20.33 -13.61
CA THR A 242 -0.29 -19.34 -12.69
C THR A 242 0.72 -18.22 -12.45
N LEU A 243 0.36 -17.18 -11.73
CA LEU A 243 1.28 -16.08 -11.43
C LEU A 243 2.43 -16.49 -10.53
N PHE A 244 2.33 -17.62 -9.84
CA PHE A 244 3.39 -18.09 -8.96
C PHE A 244 4.68 -18.38 -9.70
N THR A 245 4.62 -18.77 -10.99
CA THR A 245 5.83 -19.03 -11.75
C THR A 245 6.75 -17.82 -11.87
N LEU A 246 6.17 -16.62 -11.94
CA LEU A 246 6.95 -15.41 -12.08
C LEU A 246 7.87 -15.18 -10.89
N PHE A 247 7.45 -15.65 -9.71
CA PHE A 247 8.22 -15.45 -8.49
C PHE A 247 9.23 -16.53 -8.19
N ARG A 248 9.72 -17.20 -9.24
CA ARG A 248 10.77 -18.20 -9.10
C ARG A 248 12.09 -17.50 -9.48
N ALA A 249 12.00 -16.19 -9.64
CA ALA A 249 13.08 -15.30 -9.97
C ALA A 249 14.22 -15.49 -8.98
N PRO A 250 15.45 -15.51 -9.46
CA PRO A 250 16.62 -15.71 -8.64
C PRO A 250 16.85 -14.66 -7.60
N GLU A 251 16.39 -13.43 -7.80
CA GLU A 251 16.58 -12.37 -6.82
C GLU A 251 15.86 -12.68 -5.50
N LEU A 252 14.79 -13.44 -5.56
CA LEU A 252 13.98 -13.83 -4.42
C LEU A 252 14.41 -15.08 -3.69
N LEU A 253 15.41 -15.80 -4.18
CA LEU A 253 15.83 -17.06 -3.56
C LEU A 253 17.16 -16.99 -2.84
N ALA A 254 17.29 -17.78 -1.77
CA ALA A 254 18.54 -17.82 -1.02
C ALA A 254 19.54 -18.69 -1.80
N PRO A 255 20.79 -18.67 -1.39
CA PRO A 255 21.84 -19.48 -2.00
C PRO A 255 21.48 -20.93 -2.17
N ASN A 256 20.65 -21.54 -1.33
CA ASN A 256 20.27 -22.94 -1.48
C ASN A 256 19.03 -23.10 -2.36
N GLY A 257 18.54 -22.03 -2.95
CA GLY A 257 17.37 -22.09 -3.81
C GLY A 257 16.05 -21.89 -3.13
N ASP A 258 16.03 -21.79 -1.80
CA ASP A 258 14.80 -21.59 -1.07
C ASP A 258 14.28 -20.15 -1.25
N LEU A 259 12.96 -20.01 -1.22
CA LEU A 259 12.36 -18.67 -1.35
C LEU A 259 12.54 -17.98 0.01
N TYR A 260 12.97 -16.73 0.03
CA TYR A 260 13.09 -16.07 1.34
C TYR A 260 11.69 -15.96 1.93
N ASN A 261 11.58 -16.07 3.25
CA ASN A 261 10.28 -15.99 3.91
C ASN A 261 9.55 -14.69 3.64
N VAL A 262 10.24 -13.56 3.56
CA VAL A 262 9.62 -12.28 3.29
C VAL A 262 8.72 -12.39 2.02
N PHE A 263 9.31 -12.96 0.98
CA PHE A 263 8.63 -13.11 -0.29
C PHE A 263 7.58 -14.20 -0.26
N ALA A 264 7.85 -15.27 0.51
CA ALA A 264 6.89 -16.36 0.62
C ALA A 264 5.62 -15.82 1.28
N TRP A 265 5.77 -14.90 2.23
CA TRP A 265 4.63 -14.29 2.91
C TRP A 265 3.88 -13.39 1.95
N ALA A 266 4.63 -12.75 1.04
CA ALA A 266 3.99 -11.90 0.04
C ALA A 266 3.13 -12.75 -0.91
N LEU A 267 3.57 -13.97 -1.20
CA LEU A 267 2.83 -14.90 -2.05
C LEU A 267 1.62 -15.44 -1.31
N ASP A 268 1.72 -15.54 0.03
CA ASP A 268 0.58 -15.98 0.83
C ASP A 268 -0.52 -14.92 0.73
N VAL A 269 -0.13 -13.65 0.77
CA VAL A 269 -1.09 -12.55 0.65
C VAL A 269 -1.71 -12.56 -0.74
N LEU A 270 -0.89 -12.79 -1.77
CA LEU A 270 -1.42 -12.84 -3.15
C LEU A 270 -2.54 -13.87 -3.23
N ALA A 271 -2.24 -15.08 -2.74
CA ALA A 271 -3.22 -16.16 -2.73
C ALA A 271 -4.51 -15.71 -2.03
N LYS A 272 -4.39 -15.20 -0.82
CA LYS A 272 -5.56 -14.73 -0.08
C LYS A 272 -6.32 -13.63 -0.79
N ARG A 273 -5.66 -12.64 -1.36
CA ARG A 273 -6.32 -11.56 -2.07
C ARG A 273 -7.01 -12.02 -3.36
N LEU A 274 -6.35 -12.89 -4.13
CA LEU A 274 -6.94 -13.32 -5.39
C LEU A 274 -8.09 -14.30 -5.28
N ARG A 275 -7.96 -15.31 -4.47
CA ARG A 275 -8.90 -16.36 -4.22
C ARG A 275 -10.36 -16.02 -4.09
N SER A 276 -10.71 -14.98 -3.35
CA SER A 276 -12.10 -14.62 -3.16
C SER A 276 -12.63 -13.67 -4.22
N MET A 277 -11.85 -13.44 -5.27
CA MET A 277 -12.29 -12.58 -6.36
C MET A 277 -13.16 -13.40 -7.33
N HIS A 278 -14.14 -12.75 -7.93
CA HIS A 278 -15.00 -13.45 -8.89
C HIS A 278 -14.61 -12.91 -10.28
N VAL A 279 -14.04 -13.79 -11.10
CA VAL A 279 -13.57 -13.42 -12.43
C VAL A 279 -14.60 -13.76 -13.51
N PHE A 280 -14.78 -12.84 -14.46
CA PHE A 280 -15.71 -13.00 -15.56
C PHE A 280 -14.98 -12.62 -16.84
N ILE A 281 -15.04 -13.48 -17.85
CA ILE A 281 -14.34 -13.22 -19.11
C ILE A 281 -15.29 -12.59 -20.12
N LEU A 282 -14.85 -11.47 -20.69
CA LEU A 282 -15.64 -10.75 -21.68
C LEU A 282 -14.93 -10.88 -23.03
N ASP A 283 -15.62 -11.48 -23.99
CA ASP A 283 -15.04 -11.63 -25.33
C ASP A 283 -15.11 -10.27 -26.02
N TYR A 284 -13.96 -9.68 -26.33
CA TYR A 284 -13.95 -8.39 -26.99
C TYR A 284 -13.89 -8.49 -28.51
N ASP A 285 -13.91 -9.69 -29.06
CA ASP A 285 -13.83 -9.88 -30.51
C ASP A 285 -15.21 -9.82 -31.16
N GLN A 286 -15.82 -8.65 -31.05
CA GLN A 286 -17.15 -8.36 -31.56
C GLN A 286 -17.35 -6.85 -31.55
N SER A 287 -18.45 -6.39 -32.11
CA SER A 287 -18.73 -4.95 -32.15
C SER A 287 -18.97 -4.42 -30.75
N PRO A 288 -18.87 -3.10 -30.59
CA PRO A 288 -19.08 -2.45 -29.32
C PRO A 288 -20.45 -2.74 -28.74
N ALA A 289 -21.49 -2.85 -29.58
CA ALA A 289 -22.82 -3.17 -29.10
C ALA A 289 -22.83 -4.60 -28.55
N GLY A 290 -22.11 -5.49 -29.23
CA GLY A 290 -22.01 -6.88 -28.80
C GLY A 290 -21.35 -6.95 -27.42
N CYS A 291 -20.22 -6.26 -27.28
CA CYS A 291 -19.48 -6.22 -26.02
C CYS A 291 -20.38 -5.70 -24.88
N ARG A 292 -21.12 -4.64 -25.19
CA ARG A 292 -22.03 -4.00 -24.25
C ARG A 292 -23.07 -4.99 -23.75
N ASP A 293 -23.70 -5.74 -24.64
CA ASP A 293 -24.70 -6.74 -24.26
C ASP A 293 -23.95 -7.84 -23.49
N ALA A 294 -22.89 -8.34 -24.10
CA ALA A 294 -22.04 -9.37 -23.53
C ALA A 294 -21.77 -9.09 -22.05
N LEU A 295 -21.26 -7.88 -21.78
CA LEU A 295 -20.96 -7.46 -20.43
C LEU A 295 -22.20 -7.47 -19.52
N LEU A 296 -23.30 -6.98 -20.06
CA LEU A 296 -24.57 -6.89 -19.32
C LEU A 296 -25.15 -8.27 -19.05
N GLN A 297 -24.90 -9.25 -19.93
CA GLN A 297 -25.42 -10.61 -19.69
C GLN A 297 -24.55 -11.25 -18.61
N LEU A 298 -23.28 -10.83 -18.56
CA LEU A 298 -22.34 -11.29 -17.54
C LEU A 298 -22.68 -10.87 -16.13
N THR A 299 -23.47 -9.81 -15.93
CA THR A 299 -23.81 -9.37 -14.59
C THR A 299 -24.74 -10.28 -13.82
N SER A 300 -25.48 -11.18 -14.45
CA SER A 300 -26.38 -12.08 -13.75
C SER A 300 -25.66 -13.03 -12.81
N GLY A 301 -24.40 -13.37 -13.06
CA GLY A 301 -23.66 -14.27 -12.18
C GLY A 301 -22.77 -13.52 -11.20
N MET A 302 -22.81 -12.19 -11.22
CA MET A 302 -21.98 -11.39 -10.33
C MET A 302 -22.53 -11.35 -8.92
N VAL A 303 -21.63 -11.14 -7.96
CA VAL A 303 -22.01 -11.12 -6.56
C VAL A 303 -22.27 -9.72 -6.04
N GLN A 304 -23.44 -9.55 -5.44
CA GLN A 304 -23.90 -8.29 -4.87
C GLN A 304 -23.71 -8.33 -3.35
N THR A 305 -23.62 -7.15 -2.76
CA THR A 305 -23.45 -7.04 -1.32
C THR A 305 -24.46 -6.01 -0.76
N HIS A 306 -24.53 -5.98 0.56
CA HIS A 306 -25.37 -5.00 1.23
C HIS A 306 -24.44 -3.82 1.56
N VAL A 307 -24.97 -2.64 1.78
CA VAL A 307 -24.10 -1.51 2.16
C VAL A 307 -24.16 -1.43 3.68
N THR A 308 -23.30 -0.68 4.34
CA THR A 308 -23.34 -0.64 5.80
C THR A 308 -24.27 0.38 6.41
N THR A 309 -24.58 1.46 5.70
CA THR A 309 -25.48 2.48 6.24
C THR A 309 -26.57 2.74 5.20
N PRO A 310 -27.66 3.35 5.65
CA PRO A 310 -28.78 3.68 4.77
C PRO A 310 -28.41 4.78 3.80
N GLY A 311 -27.45 5.62 4.19
CA GLY A 311 -26.99 6.71 3.34
C GLY A 311 -25.72 6.35 2.58
N SER A 312 -25.43 5.05 2.44
CA SER A 312 -24.23 4.65 1.72
C SER A 312 -24.39 4.84 0.21
N ILE A 313 -25.54 4.52 -0.33
CA ILE A 313 -25.79 4.68 -1.76
C ILE A 313 -25.45 6.08 -2.23
N PRO A 314 -26.14 7.09 -1.73
CA PRO A 314 -25.89 8.48 -2.08
C PRO A 314 -24.43 8.87 -2.02
N THR A 315 -23.76 8.53 -0.92
CA THR A 315 -22.33 8.84 -0.75
C THR A 315 -21.53 8.19 -1.88
N ILE A 316 -21.83 6.92 -2.15
CA ILE A 316 -21.14 6.19 -3.22
C ILE A 316 -21.35 6.93 -4.54
N CYS A 317 -22.59 7.32 -4.85
CA CYS A 317 -22.88 8.05 -6.07
C CYS A 317 -22.04 9.32 -6.20
N ASP A 318 -21.99 10.15 -5.15
CA ASP A 318 -21.22 11.39 -5.18
C ASP A 318 -19.73 11.11 -5.36
N LEU A 319 -19.23 10.10 -4.64
CA LEU A 319 -17.81 9.73 -4.76
C LEU A 319 -17.50 9.45 -6.23
N ALA A 320 -18.26 8.53 -6.80
CA ALA A 320 -18.12 8.13 -8.20
C ALA A 320 -18.26 9.30 -9.16
N ARG A 321 -19.32 10.09 -9.02
CA ARG A 321 -19.51 11.24 -9.90
C ARG A 321 -18.43 12.26 -9.70
N THR A 322 -18.01 12.49 -8.46
CA THR A 322 -16.92 13.45 -8.18
C THR A 322 -15.63 12.96 -8.81
N PHE A 323 -15.36 11.65 -8.69
CA PHE A 323 -14.17 11.05 -9.26
C PHE A 323 -14.15 11.30 -10.78
N ALA A 324 -15.24 10.92 -11.42
CA ALA A 324 -15.39 11.09 -12.86
C ALA A 324 -15.16 12.52 -13.31
N ARG A 325 -15.82 13.46 -12.66
CA ARG A 325 -15.71 14.88 -12.99
C ARG A 325 -14.30 15.43 -12.83
N GLU A 326 -13.61 15.01 -11.76
CA GLU A 326 -12.28 15.51 -11.50
C GLU A 326 -11.16 14.77 -12.21
N MET A 327 -11.23 13.45 -12.33
CA MET A 327 -10.15 12.70 -12.97
C MET A 327 -10.45 12.06 -14.29
N GLY A 328 -11.70 11.81 -14.64
CA GLY A 328 -12.01 11.20 -15.95
C GLY A 328 -12.29 12.37 -16.91
N GLU A 329 -11.23 13.10 -17.26
CA GLU A 329 -11.36 14.27 -18.13
C GLU A 329 -11.93 15.44 -17.32
N MET B 1 -10.40 -17.20 24.83
CA MET B 1 -9.27 -17.03 23.89
C MET B 1 -8.08 -16.33 24.55
N PRO B 2 -6.87 -16.77 24.21
CA PRO B 2 -5.66 -16.17 24.75
C PRO B 2 -5.59 -14.72 24.31
N THR B 3 -4.97 -13.86 25.13
CA THR B 3 -4.88 -12.45 24.75
C THR B 3 -3.50 -12.14 24.17
N LEU B 4 -3.45 -11.05 23.40
CA LEU B 4 -2.23 -10.60 22.75
C LEU B 4 -2.01 -9.10 22.96
N LEU B 5 -0.74 -8.76 23.15
CA LEU B 5 -0.35 -7.37 23.34
C LEU B 5 0.66 -7.01 22.25
N ARG B 6 0.26 -6.11 21.36
CA ARG B 6 1.16 -5.67 20.29
C ARG B 6 1.64 -4.25 20.56
N VAL B 7 2.96 -4.07 20.60
CA VAL B 7 3.54 -2.77 20.88
C VAL B 7 4.53 -2.40 19.78
N TYR B 8 4.26 -1.30 19.08
CA TYR B 8 5.14 -0.85 18.01
C TYR B 8 5.99 0.32 18.51
N ILE B 9 7.29 0.11 18.65
CA ILE B 9 8.18 1.18 19.09
C ILE B 9 8.58 1.97 17.86
N ASP B 10 8.23 3.26 17.82
CA ASP B 10 8.58 4.01 16.60
C ASP B 10 9.09 5.40 16.95
N GLY B 11 9.19 6.28 15.98
CA GLY B 11 9.69 7.63 16.24
C GLY B 11 10.99 7.82 15.45
N PRO B 12 11.57 9.01 15.57
CA PRO B 12 12.81 9.32 14.89
C PRO B 12 13.91 8.34 15.25
N HIS B 13 14.79 8.09 14.27
CA HIS B 13 15.92 7.19 14.51
C HIS B 13 16.97 7.89 15.36
N GLY B 14 17.81 7.13 16.06
CA GLY B 14 18.85 7.68 16.89
C GLY B 14 18.48 8.00 18.32
N MET B 15 17.32 7.57 18.81
CA MET B 15 16.94 7.88 20.18
C MET B 15 17.22 6.74 21.16
N GLY B 16 17.47 5.52 20.68
CA GLY B 16 17.74 4.40 21.57
C GLY B 16 16.61 3.38 21.56
N LYS B 17 15.71 3.48 20.59
CA LYS B 17 14.58 2.60 20.43
C LYS B 17 14.96 1.11 20.47
N THR B 18 15.89 0.72 19.62
CA THR B 18 16.34 -0.67 19.54
C THR B 18 16.89 -1.19 20.85
N THR B 19 17.80 -0.44 21.47
CA THR B 19 18.37 -0.84 22.75
C THR B 19 17.25 -1.07 23.78
N THR B 20 16.39 -0.06 23.91
CA THR B 20 15.28 -0.12 24.86
C THR B 20 14.47 -1.40 24.70
N THR B 21 14.07 -1.69 23.47
CA THR B 21 13.29 -2.85 23.14
C THR B 21 13.96 -4.16 23.54
N GLN B 22 15.24 -4.32 23.21
CA GLN B 22 15.94 -5.54 23.55
C GLN B 22 16.06 -5.73 25.04
N LEU B 23 16.18 -4.65 25.79
CA LEU B 23 16.26 -4.75 27.25
C LEU B 23 14.95 -5.26 27.81
N LEU B 24 13.86 -4.78 27.23
CA LEU B 24 12.51 -5.18 27.63
C LEU B 24 12.30 -6.66 27.32
N VAL B 25 12.71 -7.09 26.13
CA VAL B 25 12.56 -8.49 25.75
C VAL B 25 13.36 -9.41 26.67
N ALA B 26 14.54 -8.96 27.09
CA ALA B 26 15.42 -9.71 27.97
C ALA B 26 14.85 -9.99 29.33
N LEU B 27 13.89 -9.21 29.81
CA LEU B 27 13.27 -9.38 31.10
C LEU B 27 12.26 -10.52 31.17
N GLY B 28 11.41 -10.64 30.16
CA GLY B 28 10.38 -11.64 30.10
C GLY B 28 10.82 -13.06 29.84
N SER B 29 9.90 -13.98 30.12
CA SER B 29 10.16 -15.40 29.88
C SER B 29 10.55 -15.59 28.42
N ARG B 30 11.24 -16.68 28.11
CA ARG B 30 11.69 -16.95 26.76
C ARG B 30 10.58 -16.86 25.71
N ASP B 31 9.42 -17.48 25.95
CA ASP B 31 8.34 -17.49 25.00
C ASP B 31 7.11 -16.67 25.27
N ASP B 32 7.10 -15.69 26.16
CA ASP B 32 5.86 -14.91 26.35
C ASP B 32 6.03 -13.51 25.78
N ILE B 33 7.22 -13.22 25.24
CA ILE B 33 7.53 -11.96 24.62
C ILE B 33 8.48 -12.16 23.45
N VAL B 34 8.02 -11.79 22.25
CA VAL B 34 8.84 -11.93 21.05
C VAL B 34 9.06 -10.56 20.41
N TYR B 35 10.19 -10.41 19.77
CA TYR B 35 10.60 -9.17 19.12
C TYR B 35 10.68 -9.29 17.61
N VAL B 36 10.10 -8.32 16.92
CA VAL B 36 10.14 -8.23 15.46
C VAL B 36 11.08 -7.04 15.22
N PRO B 37 12.34 -7.34 14.92
CA PRO B 37 13.35 -6.34 14.75
C PRO B 37 13.32 -5.54 13.47
N GLU B 38 14.28 -4.63 13.41
CA GLU B 38 14.46 -3.78 12.23
C GLU B 38 14.95 -4.73 11.13
N PRO B 39 14.34 -4.70 9.97
CA PRO B 39 14.71 -5.58 8.88
C PRO B 39 15.88 -5.05 8.05
N MET B 40 17.00 -4.78 8.68
CA MET B 40 18.20 -4.24 8.04
C MET B 40 18.69 -5.09 6.88
N THR B 41 18.67 -6.41 7.02
CA THR B 41 19.12 -7.33 5.97
C THR B 41 18.24 -7.19 4.74
N TYR B 42 16.92 -6.98 4.92
CA TYR B 42 16.06 -6.78 3.76
C TYR B 42 16.44 -5.46 3.08
N TRP B 43 16.72 -4.45 3.90
CA TRP B 43 17.08 -3.13 3.38
C TRP B 43 18.48 -3.11 2.75
N ARG B 44 19.41 -3.92 3.26
CA ARG B 44 20.74 -3.91 2.71
C ARG B 44 20.98 -4.93 1.60
N VAL B 45 20.34 -6.10 1.66
CA VAL B 45 20.57 -7.12 0.67
C VAL B 45 19.36 -7.66 -0.07
N LEU B 46 18.40 -8.25 0.64
CA LEU B 46 17.23 -8.90 0.11
C LEU B 46 16.32 -8.09 -0.76
N GLY B 47 15.86 -6.92 -0.35
CA GLY B 47 14.95 -6.13 -1.17
C GLY B 47 15.67 -5.37 -2.27
N ALA B 48 16.86 -4.87 -1.97
CA ALA B 48 17.68 -4.10 -2.89
C ALA B 48 19.06 -3.93 -2.25
N SER B 49 19.98 -3.26 -2.91
CA SER B 49 21.31 -3.08 -2.38
C SER B 49 21.47 -1.79 -1.58
N GLU B 50 21.90 -2.03 -0.34
CA GLU B 50 22.13 -0.99 0.64
C GLU B 50 21.00 0.03 0.56
N THR B 51 19.79 -0.05 1.06
CA THR B 51 18.83 1.04 0.78
C THR B 51 19.09 2.35 1.48
N ILE B 52 19.43 2.31 2.76
CA ILE B 52 19.68 3.52 3.55
C ILE B 52 20.78 4.36 2.92
N ALA B 53 21.88 3.75 2.52
CA ALA B 53 22.97 4.49 1.87
C ALA B 53 22.49 5.22 0.62
N ASN B 54 21.63 4.55 -0.15
CA ASN B 54 21.08 5.14 -1.37
C ASN B 54 20.18 6.34 -1.05
N ILE B 55 19.41 6.24 0.04
CA ILE B 55 18.54 7.34 0.44
C ILE B 55 19.37 8.57 0.80
N TYR B 56 20.37 8.38 1.64
CA TYR B 56 21.24 9.46 2.07
C TYR B 56 22.10 10.02 0.95
N THR B 57 22.57 9.16 0.04
CA THR B 57 23.38 9.64 -1.08
C THR B 57 22.53 10.52 -1.99
N THR B 58 21.29 10.10 -2.25
CA THR B 58 20.37 10.86 -3.09
C THR B 58 20.11 12.25 -2.55
N GLN B 59 19.81 12.36 -1.25
CA GLN B 59 19.55 13.64 -0.62
C GLN B 59 20.75 14.56 -0.75
N HIS B 60 21.93 14.03 -0.44
CA HIS B 60 23.18 14.80 -0.52
C HIS B 60 23.37 15.33 -1.93
N ARG B 61 23.20 14.45 -2.92
CA ARG B 61 23.30 14.80 -4.33
C ARG B 61 22.34 15.94 -4.67
N LEU B 62 21.11 15.84 -4.17
CA LEU B 62 20.11 16.86 -4.39
C LEU B 62 20.54 18.19 -3.77
N ASP B 63 21.00 18.14 -2.53
CA ASP B 63 21.46 19.32 -1.81
C ASP B 63 22.58 20.02 -2.58
N GLN B 64 23.54 19.25 -3.10
CA GLN B 64 24.65 19.77 -3.86
C GLN B 64 24.24 20.28 -5.24
N GLY B 65 23.05 19.96 -5.70
CA GLY B 65 22.56 20.39 -7.00
C GLY B 65 23.12 19.52 -8.12
N GLU B 66 23.47 18.28 -7.78
CA GLU B 66 24.02 17.35 -8.76
C GLU B 66 22.93 16.58 -9.48
N ILE B 67 21.72 16.58 -8.95
CA ILE B 67 20.56 15.93 -9.51
C ILE B 67 19.35 16.86 -9.28
N SER B 68 18.29 16.67 -10.06
CA SER B 68 17.11 17.51 -9.90
C SER B 68 16.16 16.96 -8.86
N ALA B 69 15.12 17.75 -8.54
CA ALA B 69 14.11 17.35 -7.57
C ALA B 69 13.39 16.10 -8.07
N GLY B 70 13.10 16.08 -9.35
CA GLY B 70 12.43 14.94 -10.00
C GLY B 70 13.26 13.67 -9.86
N ASP B 71 14.57 13.75 -10.11
CA ASP B 71 15.46 12.62 -10.00
C ASP B 71 15.48 12.05 -8.57
N ALA B 72 15.51 12.96 -7.60
CA ALA B 72 15.53 12.57 -6.20
C ALA B 72 14.22 11.90 -5.78
N ALA B 73 13.09 12.49 -6.17
CA ALA B 73 11.77 11.99 -5.86
C ALA B 73 11.53 10.57 -6.35
N VAL B 74 11.99 10.27 -7.57
CA VAL B 74 11.83 8.94 -8.14
C VAL B 74 12.62 7.91 -7.34
N VAL B 75 13.81 8.27 -6.89
CA VAL B 75 14.65 7.38 -6.09
C VAL B 75 14.11 7.21 -4.67
N MET B 76 13.65 8.31 -4.06
CA MET B 76 13.11 8.24 -2.72
C MET B 76 11.83 7.42 -2.66
N THR B 77 10.96 7.60 -3.66
CA THR B 77 9.70 6.88 -3.70
C THR B 77 9.93 5.37 -3.81
N SER B 78 10.83 4.99 -4.70
CA SER B 78 11.17 3.59 -4.92
C SER B 78 11.89 3.02 -3.70
N ALA B 79 12.76 3.81 -3.08
CA ALA B 79 13.47 3.34 -1.88
C ALA B 79 12.47 3.13 -0.74
N GLN B 80 11.49 4.02 -0.60
CA GLN B 80 10.49 3.90 0.45
C GLN B 80 9.63 2.66 0.30
N ILE B 81 9.37 2.23 -0.93
CA ILE B 81 8.61 1.01 -1.16
C ILE B 81 9.40 -0.16 -0.55
N THR B 82 10.70 -0.22 -0.86
CA THR B 82 11.56 -1.26 -0.33
C THR B 82 11.64 -1.19 1.19
N MET B 83 11.81 0.03 1.73
CA MET B 83 11.88 0.21 3.17
C MET B 83 10.65 -0.33 3.89
N GLY B 84 9.45 -0.08 3.36
CA GLY B 84 8.23 -0.52 3.99
C GLY B 84 7.78 -1.93 3.78
N MET B 85 8.31 -2.62 2.77
CA MET B 85 7.94 -3.98 2.43
C MET B 85 7.76 -4.94 3.59
N PRO B 86 8.79 -5.18 4.40
CA PRO B 86 8.70 -6.09 5.52
C PRO B 86 7.63 -5.73 6.54
N TYR B 87 7.38 -4.44 6.79
CA TYR B 87 6.34 -4.05 7.72
C TYR B 87 4.97 -4.37 7.12
N ALA B 88 4.79 -4.01 5.85
CA ALA B 88 3.51 -4.28 5.19
C ALA B 88 3.21 -5.77 5.12
N VAL B 89 4.18 -6.58 4.69
CA VAL B 89 3.91 -8.02 4.59
C VAL B 89 3.61 -8.63 5.95
N THR B 90 4.31 -8.22 7.01
CA THR B 90 4.08 -8.72 8.36
C THR B 90 2.68 -8.36 8.85
N ASP B 91 2.25 -7.13 8.57
CA ASP B 91 0.92 -6.69 8.97
C ASP B 91 -0.15 -7.50 8.22
N ALA B 92 0.10 -7.78 6.94
CA ALA B 92 -0.88 -8.52 6.14
C ALA B 92 -1.07 -9.96 6.60
N VAL B 93 -0.02 -10.63 7.06
CA VAL B 93 -0.14 -12.00 7.52
C VAL B 93 -0.57 -12.09 8.97
N LEU B 94 -0.40 -11.00 9.71
CA LEU B 94 -0.78 -11.00 11.13
C LEU B 94 -2.25 -10.65 11.27
N ALA B 95 -2.75 -9.76 10.42
CA ALA B 95 -4.12 -9.28 10.42
C ALA B 95 -5.17 -10.30 10.77
N PRO B 96 -5.31 -11.38 10.00
CA PRO B 96 -6.29 -12.41 10.22
C PRO B 96 -6.28 -13.06 11.59
N HIS B 97 -5.20 -13.01 12.33
CA HIS B 97 -5.10 -13.59 13.65
C HIS B 97 -5.57 -12.63 14.76
N ILE B 98 -5.68 -11.35 14.46
CA ILE B 98 -6.09 -10.38 15.47
C ILE B 98 -7.61 -10.34 15.66
N GLY B 99 -8.04 -10.47 16.91
CA GLY B 99 -9.47 -10.42 17.24
C GLY B 99 -9.84 -9.07 17.85
N GLY B 100 -10.96 -8.99 18.55
CA GLY B 100 -11.40 -7.75 19.16
C GLY B 100 -10.59 -7.34 20.37
N GLU B 101 -10.78 -6.10 20.83
CA GLU B 101 -10.06 -5.59 21.98
C GLU B 101 -10.57 -6.19 23.28
N ALA B 102 -9.69 -6.40 24.25
CA ALA B 102 -10.07 -6.99 25.53
C ALA B 102 -10.11 -5.93 26.63
N GLY B 103 -8.95 -5.43 27.00
CA GLY B 103 -8.84 -4.41 28.05
C GLY B 103 -7.37 -4.09 28.33
N SER B 104 -7.13 -3.07 29.14
CA SER B 104 -5.76 -2.67 29.48
C SER B 104 -5.08 -3.74 30.31
N PRO B 109 -1.51 -11.46 33.31
CA PRO B 109 -0.86 -10.99 32.09
C PRO B 109 -1.42 -11.69 30.86
N PRO B 110 -1.01 -11.25 29.67
CA PRO B 110 -1.45 -11.81 28.41
C PRO B 110 -0.63 -12.98 27.94
N ALA B 111 -1.24 -13.83 27.12
CA ALA B 111 -0.59 -15.01 26.58
C ALA B 111 0.68 -14.68 25.81
N LEU B 112 0.66 -13.62 25.02
CA LEU B 112 1.83 -13.24 24.24
C LEU B 112 1.96 -11.74 24.06
N THR B 113 3.21 -11.28 24.11
CA THR B 113 3.51 -9.88 23.89
C THR B 113 4.47 -9.78 22.69
N LEU B 114 4.04 -9.05 21.67
CA LEU B 114 4.80 -8.82 20.47
C LEU B 114 5.34 -7.38 20.42
N ILE B 115 6.65 -7.23 20.49
CA ILE B 115 7.22 -5.88 20.42
C ILE B 115 7.74 -5.71 18.99
N PHE B 116 7.35 -4.64 18.32
CA PHE B 116 7.79 -4.43 16.96
C PHE B 116 8.75 -3.24 16.87
N ASP B 117 9.72 -3.40 15.98
CA ASP B 117 10.64 -2.29 15.72
C ASP B 117 9.99 -1.55 14.54
N ARG B 118 9.21 -0.54 14.86
CA ARG B 118 8.46 0.30 13.99
C ARG B 118 7.17 -0.33 13.48
N HIS B 119 6.33 0.55 12.95
CA HIS B 119 5.04 0.27 12.38
C HIS B 119 5.02 0.70 10.91
N PRO B 120 4.15 0.12 10.09
CA PRO B 120 4.02 0.50 8.69
C PRO B 120 3.97 1.98 8.44
N ILE B 121 3.31 2.79 9.28
CA ILE B 121 3.25 4.22 9.07
C ILE B 121 4.62 4.90 9.05
N ALA B 122 5.65 4.27 9.63
CA ALA B 122 6.97 4.86 9.58
C ALA B 122 7.43 5.00 8.12
N ALA B 123 7.27 3.93 7.34
CA ALA B 123 7.68 3.90 5.95
C ALA B 123 6.65 4.40 4.96
N LEU B 124 5.37 4.35 5.34
CA LEU B 124 4.30 4.81 4.46
C LEU B 124 3.84 6.22 4.75
N LEU B 125 4.32 6.83 5.83
CA LEU B 125 3.88 8.19 6.17
C LEU B 125 4.95 9.11 6.68
N CYS B 126 5.58 8.75 7.80
CA CYS B 126 6.58 9.56 8.44
C CYS B 126 7.83 9.87 7.65
N TYR B 127 8.56 8.87 7.16
CA TYR B 127 9.78 9.17 6.38
C TYR B 127 9.45 9.87 5.09
N PRO B 128 8.45 9.43 4.35
CA PRO B 128 8.03 10.10 3.12
C PRO B 128 7.67 11.55 3.38
N ALA B 129 6.93 11.82 4.47
CA ALA B 129 6.57 13.20 4.79
C ALA B 129 7.82 14.02 5.11
N ALA B 130 8.78 13.41 5.82
CA ALA B 130 10.02 14.12 6.13
C ALA B 130 10.79 14.43 4.84
N ARG B 131 10.80 13.48 3.91
CA ARG B 131 11.47 13.68 2.62
C ARG B 131 10.74 14.75 1.80
N TYR B 132 9.43 14.86 1.95
CA TYR B 132 8.69 15.92 1.26
C TYR B 132 9.20 17.27 1.76
N LEU B 133 9.38 17.40 3.07
CA LEU B 133 9.90 18.63 3.67
C LEU B 133 11.35 18.89 3.24
N MET B 134 12.09 17.84 2.93
CA MET B 134 13.47 17.94 2.48
C MET B 134 13.55 18.25 0.98
N GLY B 135 12.41 18.27 0.30
CA GLY B 135 12.33 18.54 -1.12
C GLY B 135 12.68 17.37 -2.01
N SER B 136 12.83 16.18 -1.44
CA SER B 136 13.19 14.99 -2.19
C SER B 136 12.03 14.06 -2.46
N MET B 137 10.81 14.53 -2.22
CA MET B 137 9.62 13.75 -2.51
C MET B 137 8.44 14.68 -2.76
N THR B 138 7.54 14.30 -3.65
CA THR B 138 6.37 15.14 -3.95
C THR B 138 5.26 14.83 -2.94
N PRO B 139 4.40 15.81 -2.68
CA PRO B 139 3.29 15.62 -1.77
C PRO B 139 2.29 14.61 -2.31
N GLN B 140 2.18 14.50 -3.64
CA GLN B 140 1.28 13.54 -4.26
C GLN B 140 1.71 12.11 -3.95
N ALA B 141 3.02 11.86 -3.99
CA ALA B 141 3.54 10.52 -3.71
C ALA B 141 3.33 10.18 -2.23
N VAL B 142 3.53 11.17 -1.36
CA VAL B 142 3.33 10.98 0.09
C VAL B 142 1.89 10.56 0.33
N LEU B 143 0.93 11.25 -0.30
CA LEU B 143 -0.48 10.92 -0.14
C LEU B 143 -0.85 9.59 -0.76
N ALA B 144 -0.10 9.17 -1.78
CA ALA B 144 -0.30 7.86 -2.42
C ALA B 144 0.06 6.78 -1.39
N PHE B 145 1.17 6.98 -0.67
CA PHE B 145 1.59 6.03 0.36
C PHE B 145 0.55 6.01 1.49
N VAL B 146 0.06 7.21 1.86
CA VAL B 146 -0.96 7.31 2.91
C VAL B 146 -2.17 6.48 2.56
N ALA B 147 -2.62 6.59 1.30
CA ALA B 147 -3.79 5.83 0.85
C ALA B 147 -3.57 4.32 0.88
N LEU B 148 -2.32 3.88 0.89
CA LEU B 148 -1.97 2.47 0.92
C LEU B 148 -1.74 1.92 2.32
N ILE B 149 -1.77 2.79 3.33
CA ILE B 149 -1.60 2.33 4.72
C ILE B 149 -2.69 1.31 5.05
N PRO B 150 -2.31 0.10 5.42
CA PRO B 150 -3.25 -0.94 5.76
C PRO B 150 -4.21 -0.55 6.87
N PRO B 151 -5.39 -1.14 6.89
CA PRO B 151 -6.39 -0.87 7.91
C PRO B 151 -5.77 -1.05 9.29
N THR B 152 -6.03 -0.12 10.19
CA THR B 152 -5.49 -0.18 11.54
C THR B 152 -6.20 -1.23 12.37
N LEU B 153 -5.51 -2.30 12.69
CA LEU B 153 -6.09 -3.38 13.49
C LEU B 153 -6.28 -2.95 14.94
N PRO B 154 -7.24 -3.56 15.62
CA PRO B 154 -7.50 -3.27 17.01
C PRO B 154 -6.23 -3.50 17.84
N GLY B 155 -6.09 -2.80 18.95
CA GLY B 155 -4.96 -2.96 19.83
C GLY B 155 -3.65 -2.49 19.22
N THR B 156 -3.71 -1.47 18.37
CA THR B 156 -2.49 -0.95 17.77
C THR B 156 -1.92 0.10 18.72
N ASN B 157 -0.97 -0.36 19.53
CA ASN B 157 -0.30 0.50 20.50
C ASN B 157 1.01 1.00 19.91
N ILE B 158 1.15 2.31 19.76
CA ILE B 158 2.39 2.85 19.21
C ILE B 158 3.11 3.72 20.22
N VAL B 159 4.38 3.38 20.45
CA VAL B 159 5.21 4.13 21.39
C VAL B 159 6.15 5.04 20.62
N LEU B 160 5.99 6.35 20.80
CA LEU B 160 6.83 7.34 20.15
C LEU B 160 7.83 7.87 21.18
N GLY B 161 8.99 8.36 20.79
CA GLY B 161 9.95 8.83 21.78
C GLY B 161 10.19 10.32 21.85
N ALA B 162 10.45 10.81 23.06
CA ALA B 162 10.75 12.21 23.28
C ALA B 162 12.24 12.35 23.66
N LEU B 163 12.88 13.40 23.17
CA LEU B 163 14.29 13.59 23.48
C LEU B 163 14.75 14.94 22.98
N PRO B 164 15.31 15.75 23.86
CA PRO B 164 15.81 17.08 23.50
C PRO B 164 16.69 17.01 22.26
N GLU B 165 16.55 17.98 21.37
CA GLU B 165 17.30 18.03 20.13
C GLU B 165 18.80 18.00 20.31
N ASP B 166 19.34 18.67 21.32
CA ASP B 166 20.79 18.65 21.55
C ASP B 166 21.27 17.27 21.95
N ARG B 167 20.47 16.56 22.74
CA ARG B 167 20.79 15.21 23.16
C ARG B 167 20.64 14.24 21.98
N HIS B 168 19.61 14.46 21.17
CA HIS B 168 19.35 13.62 20.00
C HIS B 168 20.50 13.76 18.99
N ILE B 169 20.90 15.01 18.75
CA ILE B 169 22.01 15.28 17.82
C ILE B 169 23.29 14.58 18.27
N ASP B 170 23.50 14.57 19.58
CA ASP B 170 24.64 13.96 20.23
C ASP B 170 24.58 12.43 20.06
N ARG B 171 23.45 11.85 20.45
CA ARG B 171 23.22 10.41 20.37
C ARG B 171 23.28 9.91 18.94
N LEU B 172 22.75 10.67 17.99
CA LEU B 172 22.73 10.32 16.59
C LEU B 172 24.08 10.46 15.91
N ALA B 173 24.89 11.42 16.34
CA ALA B 173 26.20 11.66 15.73
C ALA B 173 27.29 10.72 16.23
N LYS B 174 27.12 9.43 16.07
CA LYS B 174 27.97 8.34 16.46
C LYS B 174 27.24 7.42 17.46
N ARG B 181 27.98 12.11 7.68
CA ARG B 181 26.77 12.68 7.15
C ARG B 181 26.09 13.58 8.21
N LEU B 182 25.41 12.90 9.14
CA LEU B 182 24.68 13.57 10.20
C LEU B 182 23.88 14.72 9.59
N ASP B 183 22.83 14.36 8.84
CA ASP B 183 22.00 15.39 8.21
C ASP B 183 21.05 15.98 9.25
N LEU B 184 21.39 17.16 9.73
CA LEU B 184 20.61 17.87 10.74
C LEU B 184 19.28 18.36 10.19
N ALA B 185 19.21 18.70 8.90
CA ALA B 185 17.95 19.14 8.31
C ALA B 185 16.95 17.99 8.32
N MET B 186 17.43 16.79 7.99
CA MET B 186 16.58 15.60 7.99
C MET B 186 16.18 15.25 9.44
N LEU B 187 17.12 15.42 10.37
CA LEU B 187 16.80 15.12 11.76
C LEU B 187 15.67 16.05 12.22
N ALA B 188 15.78 17.33 11.89
CA ALA B 188 14.74 18.30 12.27
C ALA B 188 13.41 17.94 11.60
N ALA B 189 13.45 17.56 10.34
CA ALA B 189 12.24 17.19 9.60
C ALA B 189 11.56 15.96 10.17
N ILE B 190 12.33 14.93 10.50
CA ILE B 190 11.75 13.70 11.05
C ILE B 190 11.24 13.93 12.46
N ARG B 191 11.93 14.79 13.23
CA ARG B 191 11.46 15.11 14.58
C ARG B 191 10.13 15.87 14.46
N ARG B 192 10.07 16.86 13.57
CA ARG B 192 8.83 17.61 13.38
C ARG B 192 7.70 16.69 12.93
N VAL B 193 7.95 15.81 11.95
CA VAL B 193 6.90 14.90 11.49
C VAL B 193 6.35 14.06 12.62
N TYR B 194 7.21 13.46 13.45
CA TYR B 194 6.72 12.64 14.56
C TYR B 194 5.98 13.46 15.60
N GLY B 195 6.35 14.71 15.78
CA GLY B 195 5.63 15.58 16.72
C GLY B 195 4.23 15.85 16.13
N LEU B 196 4.20 16.11 14.82
CA LEU B 196 2.91 16.33 14.14
C LEU B 196 2.03 15.10 14.28
N LEU B 197 2.61 13.91 14.07
CA LEU B 197 1.89 12.66 14.18
C LEU B 197 1.18 12.51 15.51
N ALA B 198 1.89 12.70 16.62
CA ALA B 198 1.30 12.58 17.94
C ALA B 198 0.15 13.56 18.12
N ASN B 199 0.31 14.79 17.64
CA ASN B 199 -0.74 15.79 17.72
C ASN B 199 -1.95 15.42 16.87
N THR B 200 -1.70 14.75 15.75
CA THR B 200 -2.75 14.30 14.84
C THR B 200 -3.68 13.29 15.50
N VAL B 201 -3.09 12.30 16.17
CA VAL B 201 -3.87 11.27 16.86
C VAL B 201 -4.74 11.94 17.94
N ARG B 202 -4.08 12.73 18.76
CA ARG B 202 -4.72 13.50 19.85
C ARG B 202 -5.87 14.32 19.28
N TYR B 203 -5.62 15.12 18.26
CA TYR B 203 -6.62 15.92 17.56
C TYR B 203 -7.80 15.06 17.12
N LEU B 204 -7.51 13.92 16.48
CA LEU B 204 -8.56 13.03 16.00
C LEU B 204 -9.36 12.41 17.13
N GLN B 205 -8.69 12.05 18.22
CA GLN B 205 -9.37 11.43 19.36
C GLN B 205 -10.17 12.44 20.15
N CYS B 206 -9.91 13.73 19.97
CA CYS B 206 -10.68 14.77 20.67
C CYS B 206 -11.85 15.22 19.81
N GLY B 207 -12.12 14.53 18.70
CA GLY B 207 -13.23 14.87 17.83
C GLY B 207 -12.92 15.80 16.69
N GLY B 208 -11.66 16.13 16.47
CA GLY B 208 -11.25 17.03 15.40
C GLY B 208 -11.60 16.50 14.02
N SER B 209 -12.11 17.39 13.18
CA SER B 209 -12.50 17.08 11.81
C SER B 209 -11.68 17.96 10.88
N TRP B 210 -10.74 17.38 10.14
CA TRP B 210 -9.88 18.19 9.28
C TRP B 210 -10.68 19.02 8.28
N ARG B 211 -11.73 18.46 7.69
CA ARG B 211 -12.55 19.18 6.73
C ARG B 211 -13.19 20.41 7.35
N GLU B 212 -13.61 20.34 8.60
CA GLU B 212 -14.23 21.47 9.28
C GLU B 212 -13.21 22.54 9.61
N ASP B 213 -11.99 22.16 9.99
CA ASP B 213 -10.95 23.12 10.34
C ASP B 213 -9.99 23.48 9.24
N TRP B 214 -10.10 22.91 8.05
CA TRP B 214 -9.20 23.19 6.95
C TRP B 214 -8.90 24.65 6.73
N GLY B 215 -9.91 25.51 6.77
CA GLY B 215 -9.80 26.94 6.59
C GLY B 215 -9.02 27.67 7.65
N GLN B 216 -8.70 27.02 8.76
CA GLN B 216 -7.93 27.59 9.85
C GLN B 216 -6.42 27.51 9.56
N LEU B 217 -6.06 26.80 8.51
CA LEU B 217 -4.68 26.65 8.09
C LEU B 217 -4.21 27.87 7.30
N SER B 218 -2.96 28.26 7.54
CA SER B 218 -2.34 29.38 6.85
C SER B 218 -1.13 29.89 7.64
N GLY B 219 -0.14 30.39 6.92
CA GLY B 219 1.07 30.92 7.54
C GLY B 219 2.11 29.82 7.78
N PRO B 229 4.99 17.67 22.25
CA PRO B 229 3.72 17.09 21.89
C PRO B 229 3.21 16.04 22.88
N GLN B 230 1.91 15.80 22.83
CA GLN B 230 1.22 14.82 23.66
C GLN B 230 0.25 14.04 22.76
N SER B 231 0.31 12.71 22.84
CA SER B 231 -0.53 11.85 22.02
C SER B 231 -1.81 11.37 22.66
N ASN B 232 -1.80 11.11 23.97
CA ASN B 232 -2.98 10.62 24.66
C ASN B 232 -3.39 11.50 25.84
N ALA B 233 -3.00 12.77 25.80
CA ALA B 233 -3.34 13.67 26.89
C ALA B 233 -3.36 15.12 26.42
N GLY B 234 -3.95 16.00 27.22
CA GLY B 234 -4.00 17.42 26.86
C GLY B 234 -5.27 17.77 26.11
N PRO B 235 -5.39 19.04 25.75
CA PRO B 235 -6.54 19.55 25.02
C PRO B 235 -6.39 19.31 23.53
N ARG B 236 -7.41 19.62 22.73
CA ARG B 236 -7.32 19.41 21.29
C ARG B 236 -6.39 20.42 20.64
N PRO B 237 -5.37 19.91 19.94
CA PRO B 237 -4.42 20.72 19.24
C PRO B 237 -5.09 21.47 18.08
N HIS B 238 -4.42 22.51 17.64
CA HIS B 238 -4.88 23.29 16.49
C HIS B 238 -4.51 22.48 15.24
N ILE B 239 -5.28 22.52 14.18
CA ILE B 239 -5.00 21.77 12.96
C ILE B 239 -3.63 22.08 12.39
N GLY B 240 -3.13 23.30 12.58
CA GLY B 240 -1.85 23.75 12.15
C GLY B 240 -0.70 23.03 12.85
N ASP B 241 -0.97 22.35 13.96
CA ASP B 241 0.05 21.61 14.69
C ASP B 241 -0.10 20.12 14.44
N THR B 242 -0.85 19.74 13.40
CA THR B 242 -1.06 18.35 13.06
C THR B 242 -0.51 18.07 11.66
N LEU B 243 -0.55 16.83 11.19
CA LEU B 243 -0.05 16.48 9.87
C LEU B 243 -0.84 17.10 8.74
N PHE B 244 -2.10 17.49 8.95
CA PHE B 244 -2.90 18.11 7.91
C PHE B 244 -2.32 19.36 7.30
N THR B 245 -1.47 20.11 8.00
CA THR B 245 -0.83 21.31 7.53
C THR B 245 0.21 21.12 6.42
N LEU B 246 0.80 19.92 6.36
CA LEU B 246 1.81 19.65 5.36
C LEU B 246 1.20 19.55 3.96
N PHE B 247 -0.09 19.21 3.89
CA PHE B 247 -0.77 19.03 2.62
C PHE B 247 -1.50 20.20 2.05
N ARG B 248 -1.08 21.41 2.41
CA ARG B 248 -1.71 22.63 1.88
C ARG B 248 -0.84 23.18 0.74
N ALA B 249 0.00 22.32 0.20
CA ALA B 249 0.90 22.60 -0.89
C ALA B 249 0.14 22.98 -2.16
N PRO B 250 0.74 23.88 -2.93
CA PRO B 250 0.18 24.36 -4.18
C PRO B 250 -0.10 23.28 -5.20
N GLU B 251 0.63 22.18 -5.20
CA GLU B 251 0.42 21.08 -6.12
C GLU B 251 -0.92 20.38 -5.91
N LEU B 252 -1.41 20.36 -4.67
CA LEU B 252 -2.65 19.68 -4.33
C LEU B 252 -3.89 20.56 -4.40
N LEU B 253 -3.70 21.84 -4.65
CA LEU B 253 -4.78 22.80 -4.70
C LEU B 253 -5.30 23.09 -6.11
N ALA B 254 -6.60 22.96 -6.27
CA ALA B 254 -7.26 23.24 -7.55
C ALA B 254 -7.32 24.75 -7.74
N PRO B 255 -7.73 25.22 -8.91
CA PRO B 255 -7.83 26.62 -9.23
C PRO B 255 -8.74 27.42 -8.34
N ASN B 256 -9.65 26.80 -7.62
CA ASN B 256 -10.58 27.46 -6.71
C ASN B 256 -10.01 27.57 -5.29
N GLY B 257 -8.77 27.15 -5.09
CA GLY B 257 -8.13 27.21 -3.80
C GLY B 257 -8.22 25.97 -2.95
N ASP B 258 -9.29 25.19 -3.07
CA ASP B 258 -9.44 23.99 -2.27
C ASP B 258 -8.63 22.81 -2.82
N LEU B 259 -8.54 21.78 -2.00
CA LEU B 259 -7.86 20.56 -2.32
C LEU B 259 -8.61 19.74 -3.39
N TYR B 260 -7.84 19.09 -4.25
CA TYR B 260 -8.51 18.21 -5.23
C TYR B 260 -9.15 17.11 -4.39
N ASN B 261 -10.27 16.55 -4.84
CA ASN B 261 -10.93 15.50 -4.08
C ASN B 261 -10.04 14.27 -3.90
N VAL B 262 -9.19 13.95 -4.87
CA VAL B 262 -8.32 12.79 -4.76
C VAL B 262 -7.49 12.89 -3.44
N PHE B 263 -6.89 14.05 -3.27
CA PHE B 263 -6.06 14.33 -2.12
C PHE B 263 -6.85 14.47 -0.84
N ALA B 264 -8.04 15.05 -0.94
CA ALA B 264 -8.92 15.21 0.22
C ALA B 264 -9.32 13.84 0.73
N TRP B 265 -9.55 12.90 -0.20
CA TRP B 265 -9.90 11.54 0.20
C TRP B 265 -8.69 10.87 0.85
N ALA B 266 -7.48 11.20 0.43
CA ALA B 266 -6.28 10.61 1.04
C ALA B 266 -6.18 11.10 2.50
N LEU B 267 -6.56 12.35 2.75
CA LEU B 267 -6.55 12.88 4.12
C LEU B 267 -7.63 12.19 4.95
N ASP B 268 -8.73 11.78 4.30
CA ASP B 268 -9.79 11.06 5.02
C ASP B 268 -9.26 9.70 5.47
N VAL B 269 -8.41 9.10 4.64
CA VAL B 269 -7.80 7.80 4.94
C VAL B 269 -6.83 7.98 6.11
N LEU B 270 -6.06 9.06 6.07
CA LEU B 270 -5.11 9.37 7.13
C LEU B 270 -5.83 9.51 8.48
N ALA B 271 -6.96 10.23 8.52
CA ALA B 271 -7.72 10.39 9.75
C ALA B 271 -8.24 9.06 10.30
N LYS B 272 -8.83 8.30 9.42
CA LYS B 272 -9.38 6.98 9.72
C LYS B 272 -8.30 6.06 10.27
N ARG B 273 -7.15 5.99 9.60
CA ARG B 273 -6.06 5.14 10.06
C ARG B 273 -5.48 5.55 11.39
N LEU B 274 -5.28 6.84 11.66
CA LEU B 274 -4.69 7.26 12.92
C LEU B 274 -5.64 7.39 14.10
N ARG B 275 -6.94 7.58 13.89
CA ARG B 275 -7.86 7.80 14.99
C ARG B 275 -8.09 6.62 15.90
N SER B 276 -7.91 5.37 15.47
CA SER B 276 -8.16 4.23 16.35
C SER B 276 -6.90 3.70 17.01
N MET B 277 -5.76 4.32 16.76
CA MET B 277 -4.49 3.90 17.34
C MET B 277 -4.34 4.44 18.76
N HIS B 278 -3.51 3.74 19.54
CA HIS B 278 -3.22 4.15 20.92
C HIS B 278 -1.75 4.56 20.99
N VAL B 279 -1.51 5.86 21.09
CA VAL B 279 -0.13 6.37 21.11
C VAL B 279 0.35 6.77 22.48
N PHE B 280 1.60 6.41 22.79
CA PHE B 280 2.25 6.71 24.05
C PHE B 280 3.62 7.35 23.80
N ILE B 281 4.02 8.26 24.68
CA ILE B 281 5.30 8.93 24.53
C ILE B 281 6.29 8.37 25.56
N LEU B 282 7.44 7.93 25.09
CA LEU B 282 8.47 7.37 25.97
C LEU B 282 9.66 8.33 25.99
N ASP B 283 10.06 8.77 27.17
CA ASP B 283 11.18 9.70 27.32
C ASP B 283 12.50 8.96 27.27
N TYR B 284 13.25 9.17 26.19
CA TYR B 284 14.54 8.55 25.99
C TYR B 284 15.69 9.34 26.60
N ASP B 285 15.41 10.40 27.35
CA ASP B 285 16.48 11.19 27.96
C ASP B 285 16.84 10.62 29.34
N GLN B 286 17.33 9.39 29.33
CA GLN B 286 17.72 8.65 30.50
C GLN B 286 18.51 7.42 30.07
N SER B 287 19.05 6.69 31.04
CA SER B 287 19.84 5.51 30.73
C SER B 287 19.00 4.42 30.10
N PRO B 288 19.68 3.49 29.41
CA PRO B 288 19.00 2.38 28.76
C PRO B 288 18.07 1.66 29.72
N ALA B 289 18.51 1.36 30.95
CA ALA B 289 17.67 0.69 31.93
C ALA B 289 16.49 1.57 32.34
N GLY B 290 16.71 2.87 32.43
CA GLY B 290 15.62 3.81 32.76
C GLY B 290 14.57 3.69 31.64
N CYS B 291 15.03 3.80 30.40
CA CYS B 291 14.13 3.70 29.25
C CYS B 291 13.31 2.41 29.32
N ARG B 292 13.96 1.29 29.58
CA ARG B 292 13.32 0.00 29.69
C ARG B 292 12.19 0.01 30.73
N ASP B 293 12.55 0.40 31.95
CA ASP B 293 11.55 0.43 33.03
C ASP B 293 10.46 1.44 32.69
N ALA B 294 10.84 2.57 32.08
CA ALA B 294 9.80 3.54 31.69
C ALA B 294 8.85 2.86 30.70
N LEU B 295 9.41 2.18 29.69
CA LEU B 295 8.60 1.49 28.71
C LEU B 295 7.75 0.41 29.36
N LEU B 296 8.36 -0.38 30.25
CA LEU B 296 7.63 -1.45 30.92
C LEU B 296 6.43 -0.90 31.68
N GLN B 297 6.54 0.27 32.29
CA GLN B 297 5.44 0.89 33.01
C GLN B 297 4.35 1.32 32.04
N LEU B 298 4.73 1.85 30.87
CA LEU B 298 3.79 2.28 29.86
C LEU B 298 2.89 1.17 29.34
N THR B 299 3.38 -0.06 29.25
CA THR B 299 2.59 -1.19 28.78
C THR B 299 1.32 -1.43 29.56
N SER B 300 1.23 -1.03 30.81
CA SER B 300 0.07 -1.22 31.66
C SER B 300 -1.20 -0.55 31.15
N GLY B 301 -1.11 0.59 30.49
CA GLY B 301 -2.29 1.27 29.98
C GLY B 301 -2.52 1.00 28.49
N MET B 302 -1.88 -0.03 27.96
CA MET B 302 -2.01 -0.40 26.57
C MET B 302 -3.12 -1.41 26.33
N VAL B 303 -3.72 -1.36 25.15
CA VAL B 303 -4.82 -2.24 24.80
C VAL B 303 -4.40 -3.57 24.21
N GLN B 304 -4.96 -4.63 24.78
CA GLN B 304 -4.72 -5.99 24.33
C GLN B 304 -5.89 -6.43 23.44
N THR B 305 -5.71 -7.50 22.68
CA THR B 305 -6.74 -8.04 21.83
C THR B 305 -6.77 -9.56 21.99
N HIS B 306 -7.89 -10.15 21.58
CA HIS B 306 -7.98 -11.62 21.62
C HIS B 306 -7.41 -12.09 20.26
N VAL B 307 -7.11 -13.37 20.14
CA VAL B 307 -6.61 -13.90 18.86
C VAL B 307 -7.78 -14.62 18.20
N THR B 308 -7.75 -14.81 16.89
CA THR B 308 -8.87 -15.47 16.22
C THR B 308 -8.90 -16.97 16.38
N THR B 309 -7.76 -17.64 16.42
CA THR B 309 -7.75 -19.10 16.59
C THR B 309 -6.94 -19.44 17.83
N PRO B 310 -7.10 -20.66 18.32
CA PRO B 310 -6.36 -21.13 19.50
C PRO B 310 -4.90 -21.33 19.18
N GLY B 311 -4.57 -21.64 17.92
CA GLY B 311 -3.22 -21.84 17.46
C GLY B 311 -2.59 -20.59 16.85
N SER B 312 -3.16 -19.43 17.11
CA SER B 312 -2.65 -18.16 16.61
C SER B 312 -1.36 -17.77 17.34
N ILE B 313 -1.30 -18.02 18.64
CA ILE B 313 -0.11 -17.67 19.42
C ILE B 313 1.15 -18.27 18.83
N PRO B 314 1.23 -19.60 18.77
CA PRO B 314 2.38 -20.30 18.21
C PRO B 314 2.73 -19.77 16.83
N THR B 315 1.75 -19.66 15.94
CA THR B 315 1.95 -19.15 14.59
C THR B 315 2.62 -17.78 14.63
N ILE B 316 2.10 -16.90 15.49
CA ILE B 316 2.66 -15.56 15.65
C ILE B 316 4.09 -15.61 16.13
N CYS B 317 4.39 -16.46 17.12
CA CYS B 317 5.76 -16.57 17.60
C CYS B 317 6.70 -16.97 16.46
N ASP B 318 6.33 -18.01 15.73
CA ASP B 318 7.13 -18.49 14.61
C ASP B 318 7.34 -17.38 13.58
N LEU B 319 6.26 -16.68 13.23
CA LEU B 319 6.35 -15.57 12.27
C LEU B 319 7.39 -14.56 12.74
N ALA B 320 7.30 -14.12 14.00
CA ALA B 320 8.26 -13.17 14.55
C ALA B 320 9.67 -13.75 14.58
N ARG B 321 9.85 -14.97 15.06
CA ARG B 321 11.18 -15.58 15.09
C ARG B 321 11.76 -15.71 13.68
N THR B 322 10.93 -16.14 12.74
CA THR B 322 11.35 -16.30 11.34
C THR B 322 11.78 -14.95 10.77
N PHE B 323 10.97 -13.93 10.98
CA PHE B 323 11.26 -12.57 10.55
C PHE B 323 12.60 -12.13 11.12
N ALA B 324 12.75 -12.25 12.43
CA ALA B 324 13.97 -11.85 13.13
C ALA B 324 15.22 -12.52 12.59
N ARG B 325 15.17 -13.84 12.44
CA ARG B 325 16.27 -14.62 11.91
C ARG B 325 16.66 -14.23 10.50
N GLU B 326 15.66 -14.07 9.62
CA GLU B 326 15.94 -13.74 8.23
C GLU B 326 16.27 -12.29 7.98
N MET B 327 15.57 -11.36 8.63
CA MET B 327 15.81 -9.95 8.38
C MET B 327 16.47 -9.12 9.43
N GLY B 328 16.40 -9.49 10.70
CA GLY B 328 17.08 -8.70 11.74
C GLY B 328 18.47 -9.29 11.94
N GLU B 329 19.38 -8.99 11.04
CA GLU B 329 20.74 -9.55 11.13
C GLU B 329 20.65 -11.04 10.71
#